data_6Q68
#
_entry.id   6Q68
#
_cell.length_a   55.371
_cell.length_b   55.371
_cell.length_c   200.861
_cell.angle_alpha   90.00
_cell.angle_beta   90.00
_cell.angle_gamma   90.00
#
_symmetry.space_group_name_H-M   'P 43'
#
loop_
_entity.id
_entity.type
_entity.pdbx_description
1 polymer 'Acyl-CoA binding domain containing 3'
2 polymer 'Genome polyprotein'
3 non-polymer beta-D-glucopyranose
#
loop_
_entity_poly.entity_id
_entity_poly.type
_entity_poly.pdbx_seq_one_letter_code
_entity_poly.pdbx_strand_id
1 'polypeptide(L)'
;MESLPVIAAPSMWTRPQIKDFKEKIRQDADSVITVGRGEVVTVRVPTHEEGSYLFWEFATDNYDIGFGVYFEWTDSPNTA
VSVHVSESSDDDEEEEENISSEEKAKKNANKPLLDEIVPVYRRDCHEEVYAGSHQYPGRGVYLLKFDNSYSLWRSKSVYY
RVYYTR
;
A,C
2 'polypeptide(L)' GSGSGTPAPPAIADLLASVDSEEVRDYCRTKGWIVQEKITKESLERNVNR B,D
#
# COMPACT_ATOMS: atom_id res chain seq x y z
N VAL A 6 5.82 17.97 -22.17
CA VAL A 6 5.79 17.50 -20.78
C VAL A 6 4.84 16.33 -20.62
N ILE A 7 5.41 15.14 -20.41
CA ILE A 7 4.61 13.93 -20.23
C ILE A 7 5.23 13.04 -19.16
N ALA A 8 4.40 12.52 -18.26
CA ALA A 8 4.88 11.69 -17.16
C ALA A 8 5.25 10.29 -17.66
N ALA A 9 6.38 9.79 -17.20
CA ALA A 9 6.80 8.43 -17.54
C ALA A 9 5.86 7.44 -16.86
N PRO A 10 5.41 6.41 -17.59
CA PRO A 10 4.50 5.44 -16.99
C PRO A 10 5.23 4.46 -16.06
N SER A 11 4.51 3.93 -15.06
CA SER A 11 5.04 2.87 -14.21
C SER A 11 4.58 1.53 -14.78
N MET A 12 5.47 0.54 -14.78
CA MET A 12 5.18 -0.77 -15.33
C MET A 12 5.77 -1.89 -14.46
N TRP A 13 4.96 -2.89 -14.16
CA TRP A 13 5.39 -4.02 -13.33
C TRP A 13 4.68 -5.30 -13.74
N THR A 14 4.99 -6.39 -13.04
CA THR A 14 4.38 -7.69 -13.29
C THR A 14 4.14 -8.41 -11.98
N ARG A 15 3.24 -9.38 -11.98
CA ARG A 15 3.04 -10.23 -10.81
C ARG A 15 2.85 -11.69 -11.27
N PRO A 16 3.43 -12.66 -10.53
CA PRO A 16 3.42 -14.06 -10.96
C PRO A 16 2.06 -14.76 -11.10
N GLN A 17 1.00 -14.25 -10.47
CA GLN A 17 -0.21 -15.06 -10.43
C GLN A 17 -1.03 -14.74 -11.67
N ILE A 18 -0.88 -15.62 -12.66
CA ILE A 18 -1.62 -15.53 -13.91
C ILE A 18 -2.95 -16.29 -13.85
N LYS A 19 -2.91 -17.48 -13.25
CA LYS A 19 -4.06 -18.36 -13.23
C LYS A 19 -5.21 -17.73 -12.46
N ASP A 20 -4.85 -17.03 -11.39
CA ASP A 20 -5.84 -16.35 -10.56
C ASP A 20 -6.42 -15.15 -11.31
N PHE A 21 -5.56 -14.47 -12.07
CA PHE A 21 -5.98 -13.31 -12.84
C PHE A 21 -6.94 -13.73 -13.95
N LYS A 22 -6.56 -14.76 -14.71
CA LYS A 22 -7.37 -15.24 -15.82
C LYS A 22 -8.76 -15.67 -15.36
N GLU A 23 -8.83 -16.31 -14.20
CA GLU A 23 -10.09 -16.82 -13.67
C GLU A 23 -11.03 -15.69 -13.24
N LYS A 24 -10.50 -14.68 -12.57
CA LYS A 24 -11.31 -13.57 -12.10
C LYS A 24 -11.83 -12.75 -13.28
N ILE A 25 -11.07 -12.73 -14.37
CA ILE A 25 -11.41 -11.95 -15.55
C ILE A 25 -12.47 -12.61 -16.44
N ARG A 26 -12.34 -13.91 -16.66
CA ARG A 26 -13.21 -14.62 -17.62
C ARG A 26 -14.67 -14.66 -17.16
N GLN A 27 -14.92 -14.24 -15.93
CA GLN A 27 -16.29 -14.12 -15.43
C GLN A 27 -17.10 -13.16 -16.27
N ASP A 28 -16.41 -12.27 -16.99
CA ASP A 28 -17.04 -11.33 -17.91
C ASP A 28 -16.49 -11.54 -19.33
N ALA A 29 -17.39 -11.55 -20.31
CA ALA A 29 -17.01 -11.85 -21.69
C ALA A 29 -16.36 -10.65 -22.39
N ASP A 30 -16.79 -9.44 -22.04
CA ASP A 30 -16.24 -8.23 -22.65
C ASP A 30 -14.80 -7.98 -22.23
N SER A 31 -14.37 -8.62 -21.15
CA SER A 31 -13.02 -8.46 -20.65
C SER A 31 -12.05 -9.45 -21.32
N VAL A 32 -12.57 -10.28 -22.21
CA VAL A 32 -11.75 -11.25 -22.93
C VAL A 32 -11.79 -10.99 -24.43
N ILE A 33 -10.65 -10.60 -24.98
CA ILE A 33 -10.51 -10.31 -26.41
C ILE A 33 -9.83 -11.48 -27.13
N THR A 34 -10.27 -11.77 -28.35
CA THR A 34 -9.61 -12.74 -29.21
C THR A 34 -9.02 -12.05 -30.43
N VAL A 35 -7.70 -11.95 -30.47
CA VAL A 35 -7.01 -11.24 -31.55
C VAL A 35 -6.64 -12.21 -32.67
N GLY A 36 -7.12 -11.92 -33.87
CA GLY A 36 -6.93 -12.81 -35.00
C GLY A 36 -5.55 -12.73 -35.61
N ARG A 37 -5.36 -13.40 -36.74
CA ARG A 37 -4.06 -13.49 -37.39
C ARG A 37 -3.69 -12.15 -38.04
N GLY A 38 -2.51 -11.64 -37.69
CA GLY A 38 -2.02 -10.39 -38.25
C GLY A 38 -2.95 -9.22 -37.98
N GLU A 39 -3.63 -9.28 -36.83
CA GLU A 39 -4.64 -8.29 -36.48
C GLU A 39 -4.18 -7.40 -35.34
N VAL A 40 -4.63 -6.15 -35.35
CA VAL A 40 -4.32 -5.21 -34.27
C VAL A 40 -5.60 -4.64 -33.68
N VAL A 41 -5.85 -4.96 -32.41
CA VAL A 41 -7.01 -4.43 -31.70
C VAL A 41 -6.60 -3.21 -30.89
N THR A 42 -7.32 -2.11 -31.08
CA THR A 42 -7.06 -0.88 -30.36
C THR A 42 -8.24 -0.56 -29.44
N VAL A 43 -8.02 -0.68 -28.14
CA VAL A 43 -9.06 -0.36 -27.16
C VAL A 43 -9.00 1.12 -26.84
N ARG A 44 -10.14 1.79 -26.92
CA ARG A 44 -10.22 3.22 -26.67
C ARG A 44 -10.86 3.49 -25.31
N VAL A 45 -10.05 4.00 -24.39
CA VAL A 45 -10.50 4.33 -23.04
C VAL A 45 -10.46 5.84 -22.81
N PRO A 46 -11.64 6.46 -22.63
CA PRO A 46 -11.65 7.92 -22.48
C PRO A 46 -11.13 8.39 -21.12
N THR A 47 -10.69 9.64 -21.04
CA THR A 47 -10.24 10.23 -19.79
C THR A 47 -11.42 10.72 -18.97
N HIS A 48 -11.39 10.45 -17.68
CA HIS A 48 -12.42 10.91 -16.77
C HIS A 48 -11.97 12.18 -16.08
N GLU A 49 -12.79 13.22 -16.15
CA GLU A 49 -12.46 14.52 -15.54
C GLU A 49 -12.24 14.36 -14.04
N GLU A 50 -13.00 13.47 -13.42
CA GLU A 50 -12.80 13.16 -12.01
C GLU A 50 -11.46 12.45 -11.81
N GLY A 51 -10.96 11.85 -12.88
CA GLY A 51 -9.79 10.99 -12.80
C GLY A 51 -8.45 11.68 -12.96
N SER A 52 -7.41 11.01 -12.46
CA SER A 52 -6.03 11.46 -12.57
C SER A 52 -5.15 10.32 -13.11
N TYR A 53 -5.09 9.23 -12.37
CA TYR A 53 -4.28 8.06 -12.73
C TYR A 53 -5.09 6.98 -13.44
N LEU A 54 -4.47 6.32 -14.41
CA LEU A 54 -5.07 5.21 -15.15
C LEU A 54 -4.22 3.95 -15.00
N PHE A 55 -4.86 2.85 -14.59
CA PHE A 55 -4.18 1.57 -14.40
C PHE A 55 -4.66 0.54 -15.42
N TRP A 56 -3.77 -0.38 -15.79
CA TRP A 56 -4.11 -1.44 -16.73
C TRP A 56 -3.43 -2.76 -16.38
N GLU A 57 -4.08 -3.86 -16.74
CA GLU A 57 -3.53 -5.20 -16.56
C GLU A 57 -3.89 -6.02 -17.79
N PHE A 58 -3.00 -6.92 -18.22
CA PHE A 58 -3.33 -7.83 -19.31
C PHE A 58 -2.54 -9.13 -19.28
N ALA A 59 -3.12 -10.18 -19.87
CA ALA A 59 -2.49 -11.49 -19.93
C ALA A 59 -2.99 -12.27 -21.14
N THR A 60 -2.20 -13.24 -21.58
CA THR A 60 -2.57 -14.12 -22.69
C THR A 60 -2.54 -15.57 -22.22
N ASP A 61 -3.13 -16.47 -22.99
CA ASP A 61 -3.27 -17.86 -22.56
C ASP A 61 -1.99 -18.64 -22.83
N ASN A 62 -1.77 -19.02 -24.09
CA ASN A 62 -0.60 -19.85 -24.42
C ASN A 62 0.59 -19.11 -25.04
N TYR A 63 0.42 -17.83 -25.33
CA TYR A 63 1.37 -17.13 -26.20
C TYR A 63 1.55 -15.67 -25.79
N ASP A 64 2.62 -15.05 -26.30
CA ASP A 64 2.85 -13.63 -26.05
C ASP A 64 2.08 -12.78 -27.04
N ILE A 65 2.15 -11.46 -26.88
CA ILE A 65 1.46 -10.56 -27.80
C ILE A 65 2.13 -9.19 -27.81
N GLY A 66 2.01 -8.48 -28.93
CA GLY A 66 2.53 -7.12 -29.03
C GLY A 66 1.68 -6.17 -28.21
N PHE A 67 2.31 -5.34 -27.39
CA PHE A 67 1.59 -4.38 -26.56
C PHE A 67 2.29 -3.03 -26.48
N GLY A 68 1.50 -1.97 -26.69
CA GLY A 68 1.99 -0.61 -26.58
C GLY A 68 0.85 0.31 -26.17
N VAL A 69 1.17 1.55 -25.86
CA VAL A 69 0.16 2.53 -25.45
C VAL A 69 0.43 3.89 -26.08
N TYR A 70 -0.62 4.51 -26.61
CA TYR A 70 -0.54 5.84 -27.21
C TYR A 70 -1.60 6.74 -26.61
N PHE A 71 -1.41 8.06 -26.75
CA PHE A 71 -2.31 9.05 -26.17
C PHE A 71 -2.77 10.07 -27.22
N GLU A 72 -4.08 10.24 -27.33
CA GLU A 72 -4.67 11.11 -28.35
C GLU A 72 -5.31 12.37 -27.74
N TRP A 73 -5.07 13.52 -28.36
CA TRP A 73 -5.55 14.81 -27.84
C TRP A 73 -6.88 15.23 -28.48
N THR A 74 -7.73 15.85 -27.67
CA THR A 74 -9.00 16.39 -28.15
C THR A 74 -8.99 17.91 -28.15
N PRO A 112 -5.24 15.95 -35.99
CA PRO A 112 -5.03 14.76 -35.16
C PRO A 112 -3.60 14.66 -34.61
N LEU A 113 -3.46 14.73 -33.29
CA LEU A 113 -2.15 14.69 -32.64
C LEU A 113 -2.02 13.47 -31.74
N LEU A 114 -0.80 13.03 -31.48
CA LEU A 114 -0.57 11.79 -30.74
C LEU A 114 0.74 11.79 -29.93
N ASP A 115 0.80 10.91 -28.93
CA ASP A 115 1.98 10.77 -28.07
C ASP A 115 2.23 9.29 -27.74
N GLU A 116 3.49 8.88 -27.73
CA GLU A 116 3.84 7.49 -27.42
C GLU A 116 4.13 7.35 -25.93
N ILE A 117 3.27 6.58 -25.26
CA ILE A 117 3.39 6.34 -23.83
C ILE A 117 4.24 5.10 -23.58
N VAL A 118 3.73 3.96 -24.02
CA VAL A 118 4.47 2.69 -23.97
C VAL A 118 4.74 2.22 -25.39
N PRO A 119 6.03 2.12 -25.77
CA PRO A 119 6.32 1.64 -27.14
C PRO A 119 5.70 0.27 -27.38
N VAL A 120 5.28 0.00 -28.61
CA VAL A 120 4.66 -1.29 -28.89
C VAL A 120 5.76 -2.34 -29.03
N TYR A 121 5.72 -3.31 -28.13
CA TYR A 121 6.72 -4.38 -28.06
C TYR A 121 6.03 -5.70 -27.76
N ARG A 122 6.71 -6.80 -28.03
CA ARG A 122 6.19 -8.11 -27.69
C ARG A 122 6.55 -8.46 -26.25
N ARG A 123 5.52 -8.64 -25.43
CA ARG A 123 5.68 -8.91 -24.01
C ARG A 123 5.23 -10.33 -23.74
N ASP A 124 5.90 -11.06 -22.84
CA ASP A 124 5.44 -12.40 -22.55
C ASP A 124 4.47 -12.30 -21.40
N CYS A 125 3.18 -12.32 -21.75
CA CYS A 125 2.12 -12.17 -20.78
C CYS A 125 1.46 -13.51 -20.43
N HIS A 126 1.91 -14.57 -21.09
CA HIS A 126 1.43 -15.92 -20.79
C HIS A 126 2.18 -16.49 -19.59
N GLU A 127 3.39 -15.99 -19.36
CA GLU A 127 4.16 -16.37 -18.17
C GLU A 127 3.74 -15.56 -16.93
N GLU A 128 3.54 -14.27 -17.13
CA GLU A 128 3.19 -13.37 -16.02
C GLU A 128 2.12 -12.36 -16.42
N VAL A 129 1.37 -11.89 -15.45
CA VAL A 129 0.42 -10.81 -15.68
C VAL A 129 1.16 -9.49 -15.79
N TYR A 130 0.98 -8.80 -16.92
CA TYR A 130 1.64 -7.51 -17.15
C TYR A 130 0.73 -6.36 -16.80
N ALA A 131 1.26 -5.41 -16.03
CA ALA A 131 0.49 -4.29 -15.52
C ALA A 131 1.21 -2.97 -15.79
N GLY A 132 0.59 -1.87 -15.39
CA GLY A 132 1.18 -0.56 -15.55
C GLY A 132 0.25 0.56 -15.13
N SER A 133 0.80 1.76 -15.02
CA SER A 133 0.03 2.93 -14.60
C SER A 133 0.56 4.20 -15.25
N HIS A 134 -0.33 5.17 -15.47
CA HIS A 134 0.07 6.47 -15.99
C HIS A 134 -0.84 7.59 -15.49
N GLN A 135 -0.23 8.74 -15.22
CA GLN A 135 -0.94 9.96 -14.87
C GLN A 135 -1.70 10.49 -16.10
N TYR A 136 -2.66 11.39 -15.88
CA TYR A 136 -3.38 12.05 -16.97
C TYR A 136 -2.72 13.38 -17.35
N PRO A 137 -2.04 13.44 -18.52
CA PRO A 137 -1.56 14.77 -18.93
C PRO A 137 -2.57 15.56 -19.78
N GLY A 138 -3.84 15.60 -19.36
CA GLY A 138 -4.81 16.40 -20.08
C GLY A 138 -6.20 15.78 -20.15
N ARG A 139 -7.00 16.29 -21.06
CA ARG A 139 -8.25 15.66 -21.48
C ARG A 139 -8.04 15.08 -22.88
N GLY A 140 -8.33 13.79 -23.03
CA GLY A 140 -8.05 13.10 -24.28
C GLY A 140 -8.52 11.65 -24.25
N VAL A 141 -7.97 10.84 -25.15
CA VAL A 141 -8.34 9.43 -25.25
C VAL A 141 -7.10 8.54 -25.33
N TYR A 142 -7.11 7.47 -24.52
CA TYR A 142 -6.02 6.49 -24.52
C TYR A 142 -6.24 5.40 -25.56
N LEU A 143 -5.15 4.99 -26.21
CA LEU A 143 -5.20 3.88 -27.16
C LEU A 143 -4.37 2.70 -26.66
N LEU A 144 -5.03 1.61 -26.31
CA LEU A 144 -4.34 0.40 -25.91
C LEU A 144 -4.17 -0.51 -27.11
N LYS A 145 -2.92 -0.66 -27.55
CA LYS A 145 -2.61 -1.42 -28.74
C LYS A 145 -2.25 -2.87 -28.41
N PHE A 146 -3.09 -3.80 -28.85
CA PHE A 146 -2.73 -5.21 -28.83
C PHE A 146 -2.34 -5.61 -30.26
N ASP A 147 -1.05 -5.82 -30.47
CA ASP A 147 -0.52 -5.98 -31.82
C ASP A 147 -0.16 -7.43 -32.11
N ASN A 148 -1.00 -8.07 -32.93
CA ASN A 148 -0.76 -9.43 -33.38
C ASN A 148 -0.19 -9.48 -34.79
N SER A 149 0.15 -8.31 -35.34
CA SER A 149 0.50 -8.17 -36.76
C SER A 149 1.50 -9.20 -37.26
N TYR A 150 2.42 -9.60 -36.38
CA TYR A 150 3.50 -10.50 -36.75
C TYR A 150 3.06 -11.97 -36.85
N SER A 151 1.86 -12.27 -36.37
CA SER A 151 1.38 -13.65 -36.30
C SER A 151 0.69 -14.12 -37.58
N LEU A 152 1.23 -15.15 -38.20
CA LEU A 152 0.68 -15.72 -39.43
C LEU A 152 -0.49 -16.68 -39.17
N TRP A 153 -0.38 -17.49 -38.12
CA TRP A 153 -1.31 -18.61 -37.91
C TRP A 153 -2.08 -18.53 -36.59
N ARG A 154 -1.37 -18.59 -35.46
CA ARG A 154 -2.01 -18.63 -34.15
C ARG A 154 -2.82 -17.39 -33.84
N SER A 155 -3.94 -17.57 -33.13
CA SER A 155 -4.69 -16.45 -32.56
C SER A 155 -4.28 -16.26 -31.11
N LYS A 156 -4.83 -15.24 -30.46
CA LYS A 156 -4.46 -14.91 -29.08
C LYS A 156 -5.67 -14.59 -28.22
N SER A 157 -5.82 -15.31 -27.12
CA SER A 157 -6.86 -15.01 -26.14
C SER A 157 -6.29 -14.06 -25.09
N VAL A 158 -6.83 -12.84 -25.07
CA VAL A 158 -6.34 -11.80 -24.17
C VAL A 158 -7.30 -11.57 -23.01
N TYR A 159 -6.73 -11.38 -21.82
CA TYR A 159 -7.50 -11.03 -20.64
C TYR A 159 -7.04 -9.67 -20.15
N TYR A 160 -7.89 -8.65 -20.29
CA TYR A 160 -7.48 -7.27 -19.96
C TYR A 160 -8.50 -6.56 -19.06
N ARG A 161 -8.00 -5.72 -18.17
CA ARG A 161 -8.82 -4.97 -17.22
C ARG A 161 -8.27 -3.55 -17.03
N VAL A 162 -9.19 -2.59 -16.93
CA VAL A 162 -8.81 -1.18 -16.78
C VAL A 162 -9.38 -0.58 -15.49
N TYR A 163 -8.68 0.44 -14.99
CA TYR A 163 -9.08 1.13 -13.76
C TYR A 163 -8.80 2.62 -13.89
N TYR A 164 -9.34 3.42 -12.97
CA TYR A 164 -8.95 4.82 -12.85
C TYR A 164 -9.18 5.32 -11.42
N THR A 165 -8.79 6.56 -11.15
CA THR A 165 -8.72 7.08 -9.78
C THR A 165 -9.45 8.41 -9.67
N ARG A 166 -9.27 9.08 -8.53
CA ARG A 166 -9.78 10.44 -8.35
C ARG A 166 -8.74 11.31 -7.68
N PRO B 7 -6.29 7.26 -0.97
CA PRO B 7 -6.41 8.72 -1.07
C PRO B 7 -5.58 9.31 -2.22
N ALA B 8 -4.33 9.69 -1.95
CA ALA B 8 -3.50 10.37 -2.95
C ALA B 8 -3.24 9.47 -4.15
N PRO B 9 -3.70 9.88 -5.35
CA PRO B 9 -3.48 9.07 -6.56
C PRO B 9 -2.04 8.60 -6.77
N PRO B 10 -1.04 9.48 -6.55
CA PRO B 10 0.33 8.97 -6.68
C PRO B 10 0.68 7.94 -5.60
N ALA B 11 -0.05 7.96 -4.48
CA ALA B 11 0.14 6.97 -3.43
C ALA B 11 -0.56 5.67 -3.81
N ILE B 12 -1.63 5.76 -4.59
CA ILE B 12 -2.33 4.58 -5.07
C ILE B 12 -1.50 3.89 -6.15
N ALA B 13 -0.72 4.67 -6.88
CA ALA B 13 0.10 4.14 -7.97
C ALA B 13 1.33 3.42 -7.44
N ASP B 14 2.01 4.03 -6.48
CA ASP B 14 3.19 3.42 -5.87
C ASP B 14 2.77 2.24 -5.01
N LEU B 15 1.55 2.31 -4.47
CA LEU B 15 0.96 1.21 -3.72
C LEU B 15 0.89 -0.06 -4.58
N LEU B 16 0.08 0.00 -5.64
CA LEU B 16 -0.18 -1.17 -6.48
C LEU B 16 1.08 -1.73 -7.11
N ALA B 17 2.09 -0.90 -7.31
CA ALA B 17 3.34 -1.38 -7.90
C ALA B 17 3.98 -2.45 -7.01
N SER B 18 4.08 -2.14 -5.72
CA SER B 18 4.77 -3.01 -4.77
C SER B 18 4.00 -4.30 -4.40
N VAL B 19 2.79 -4.14 -3.90
CA VAL B 19 2.06 -5.21 -3.22
C VAL B 19 1.03 -5.97 -4.08
N ASP B 20 0.98 -5.71 -5.38
CA ASP B 20 -0.17 -6.10 -6.21
C ASP B 20 -0.60 -7.55 -6.07
N SER B 21 -1.92 -7.71 -5.84
CA SER B 21 -2.56 -9.02 -5.82
C SER B 21 -4.05 -8.81 -6.07
N GLU B 22 -4.77 -9.88 -6.41
CA GLU B 22 -6.20 -9.78 -6.68
C GLU B 22 -6.97 -9.23 -5.48
N GLU B 23 -6.49 -9.53 -4.27
CA GLU B 23 -7.15 -9.08 -3.05
C GLU B 23 -6.96 -7.58 -2.88
N VAL B 24 -5.75 -7.11 -3.17
CA VAL B 24 -5.45 -5.68 -3.09
C VAL B 24 -6.24 -4.92 -4.15
N ARG B 25 -6.38 -5.51 -5.33
CA ARG B 25 -7.19 -4.91 -6.39
C ARG B 25 -8.65 -4.86 -5.97
N ASP B 26 -9.12 -5.94 -5.34
CA ASP B 26 -10.49 -5.99 -4.82
C ASP B 26 -10.64 -5.09 -3.60
N TYR B 27 -9.58 -4.97 -2.80
CA TYR B 27 -9.58 -4.09 -1.65
C TYR B 27 -9.76 -2.65 -2.11
N CYS B 28 -8.87 -2.20 -3.00
CA CYS B 28 -8.92 -0.85 -3.54
C CYS B 28 -10.22 -0.60 -4.30
N ARG B 29 -10.73 -1.65 -4.94
CA ARG B 29 -11.97 -1.56 -5.69
C ARG B 29 -13.12 -1.10 -4.81
N THR B 30 -13.11 -1.56 -3.56
CA THR B 30 -14.19 -1.26 -2.62
C THR B 30 -14.07 0.14 -1.99
N LYS B 31 -12.85 0.58 -1.73
CA LYS B 31 -12.61 1.84 -1.05
C LYS B 31 -13.01 3.04 -1.91
N GLY B 32 -13.18 2.81 -3.20
CA GLY B 32 -13.50 3.88 -4.13
C GLY B 32 -12.26 4.57 -4.67
N TRP B 33 -11.09 4.07 -4.27
CA TRP B 33 -9.82 4.61 -4.73
C TRP B 33 -9.62 4.33 -6.21
N ILE B 34 -9.99 3.11 -6.62
CA ILE B 34 -9.93 2.73 -8.03
C ILE B 34 -11.32 2.31 -8.51
N VAL B 35 -11.57 2.49 -9.80
CA VAL B 35 -12.88 2.19 -10.39
C VAL B 35 -12.73 1.39 -11.68
N GLN B 36 -13.33 0.20 -11.70
CA GLN B 36 -13.24 -0.69 -12.86
C GLN B 36 -14.15 -0.18 -13.97
N GLU B 37 -13.56 0.06 -15.15
CA GLU B 37 -14.30 0.62 -16.27
C GLU B 37 -14.66 -0.47 -17.28
N LYS B 38 -15.93 -0.56 -17.62
CA LYS B 38 -16.42 -1.53 -18.58
C LYS B 38 -16.40 -0.95 -19.99
N ILE B 39 -15.93 -1.76 -20.94
CA ILE B 39 -15.90 -1.36 -22.35
C ILE B 39 -16.74 -2.37 -23.14
N THR B 40 -16.89 -2.16 -24.44
CA THR B 40 -17.82 -2.97 -25.25
C THR B 40 -17.30 -3.20 -26.66
N LYS B 41 -18.17 -3.73 -27.53
CA LYS B 41 -17.85 -3.95 -28.93
C LYS B 41 -17.38 -2.66 -29.59
N GLU B 42 -18.09 -1.56 -29.35
CA GLU B 42 -17.68 -0.25 -29.83
C GLU B 42 -16.59 0.30 -28.91
N SER B 43 -16.06 1.48 -29.25
CA SER B 43 -14.90 2.03 -28.55
C SER B 43 -13.75 1.04 -28.64
N LEU B 44 -13.81 0.20 -29.66
CA LEU B 44 -12.81 -0.83 -29.90
C LEU B 44 -12.74 -1.04 -31.41
N GLU B 45 -11.54 -1.19 -31.95
CA GLU B 45 -11.36 -1.19 -33.41
C GLU B 45 -10.26 -2.15 -33.84
N ARG B 46 -10.39 -2.64 -35.07
CA ARG B 46 -9.52 -3.70 -35.57
C ARG B 46 -8.91 -3.31 -36.93
N ASN B 47 -7.74 -3.87 -37.21
CA ASN B 47 -7.00 -3.57 -38.43
C ASN B 47 -6.12 -4.74 -38.85
N VAL B 48 -5.66 -4.72 -40.09
CA VAL B 48 -4.76 -5.74 -40.62
C VAL B 48 -3.46 -5.13 -41.11
N VAL C 6 23.50 11.90 12.01
CA VAL C 6 22.67 11.39 10.92
C VAL C 6 21.60 10.45 11.45
N ILE C 7 20.37 10.96 11.55
CA ILE C 7 19.23 10.17 12.01
C ILE C 7 17.99 10.46 11.18
N ALA C 8 17.31 9.40 10.76
CA ALA C 8 16.12 9.52 9.93
C ALA C 8 14.95 10.07 10.76
N ALA C 9 14.25 11.06 10.21
CA ALA C 9 13.07 11.59 10.87
C ALA C 9 11.98 10.52 10.89
N PRO C 10 11.27 10.39 12.02
CA PRO C 10 10.21 9.38 12.08
C PRO C 10 8.94 9.81 11.35
N SER C 11 8.18 8.85 10.85
CA SER C 11 6.87 9.14 10.27
C SER C 11 5.82 8.99 11.36
N MET C 12 4.84 9.90 11.37
CA MET C 12 3.79 9.87 12.39
C MET C 12 2.43 10.21 11.77
N TRP C 13 1.42 9.40 12.07
CA TRP C 13 0.07 9.61 11.54
C TRP C 13 -0.99 9.08 12.49
N THR C 14 -2.24 9.16 12.06
CA THR C 14 -3.37 8.69 12.85
C THR C 14 -4.42 8.02 11.98
N ARG C 15 -5.22 7.13 12.59
CA ARG C 15 -6.41 6.61 11.92
C ARG C 15 -7.61 6.72 12.88
N PRO C 16 -8.78 7.11 12.37
CA PRO C 16 -9.93 7.37 13.25
C PRO C 16 -10.50 6.16 14.00
N GLN C 17 -10.17 4.93 13.64
CA GLN C 17 -10.90 3.81 14.23
C GLN C 17 -10.20 3.41 15.51
N ILE C 18 -10.74 3.90 16.62
CA ILE C 18 -10.23 3.61 17.94
C ILE C 18 -10.86 2.37 18.56
N LYS C 19 -12.18 2.25 18.39
CA LYS C 19 -12.93 1.17 19.04
C LYS C 19 -12.51 -0.17 18.48
N ASP C 20 -12.29 -0.22 17.18
CA ASP C 20 -11.85 -1.44 16.51
C ASP C 20 -10.44 -1.80 16.94
N PHE C 21 -9.60 -0.78 17.08
CA PHE C 21 -8.23 -0.97 17.54
C PHE C 21 -8.21 -1.52 18.95
N LYS C 22 -8.89 -0.84 19.86
CA LYS C 22 -8.95 -1.25 21.27
C LYS C 22 -9.42 -2.70 21.43
N GLU C 23 -10.37 -3.11 20.61
CA GLU C 23 -10.93 -4.45 20.67
C GLU C 23 -9.90 -5.52 20.34
N LYS C 24 -9.21 -5.36 19.21
CA LYS C 24 -8.23 -6.33 18.77
C LYS C 24 -7.06 -6.44 19.75
N ILE C 25 -6.80 -5.36 20.49
CA ILE C 25 -5.68 -5.32 21.41
C ILE C 25 -5.98 -6.00 22.75
N ARG C 26 -7.19 -5.77 23.29
CA ARG C 26 -7.53 -6.25 24.63
C ARG C 26 -7.63 -7.77 24.69
N GLN C 27 -7.59 -8.43 23.53
CA GLN C 27 -7.57 -9.88 23.47
C GLN C 27 -6.34 -10.44 24.18
N ASP C 28 -5.32 -9.60 24.31
CA ASP C 28 -4.10 -9.95 25.04
C ASP C 28 -3.89 -8.96 26.19
N ALA C 29 -3.54 -9.49 27.36
CA ALA C 29 -3.42 -8.67 28.56
C ALA C 29 -2.11 -7.88 28.60
N ASP C 30 -1.04 -8.46 28.07
CA ASP C 30 0.27 -7.80 28.08
C ASP C 30 0.32 -6.58 27.16
N SER C 31 -0.69 -6.46 26.30
CA SER C 31 -0.76 -5.33 25.37
C SER C 31 -1.51 -4.15 25.98
N VAL C 32 -2.08 -4.35 27.16
CA VAL C 32 -2.84 -3.29 27.85
C VAL C 32 -2.13 -2.85 29.11
N ILE C 33 -1.61 -1.62 29.10
CA ILE C 33 -0.88 -1.06 30.22
C ILE C 33 -1.77 -0.12 31.03
N THR C 34 -1.61 -0.15 32.35
CA THR C 34 -2.30 0.79 33.22
C THR C 34 -1.28 1.71 33.90
N VAL C 35 -1.27 2.98 33.49
CA VAL C 35 -0.30 3.94 34.00
C VAL C 35 -0.85 4.70 35.21
N GLY C 36 -0.19 4.54 36.35
CA GLY C 36 -0.64 5.14 37.59
C GLY C 36 -0.46 6.64 37.65
N ARG C 37 -0.76 7.22 38.79
CA ARG C 37 -0.72 8.67 38.97
C ARG C 37 0.73 9.16 39.04
N GLY C 38 1.07 10.13 38.19
CA GLY C 38 2.41 10.70 38.18
C GLY C 38 3.47 9.66 37.90
N GLU C 39 3.14 8.72 37.02
CA GLU C 39 4.02 7.59 36.71
C GLU C 39 4.47 7.66 35.25
N VAL C 40 5.65 7.10 34.98
CA VAL C 40 6.18 7.04 33.63
C VAL C 40 6.65 5.63 33.30
N VAL C 41 6.01 5.03 32.30
CA VAL C 41 6.35 3.69 31.85
C VAL C 41 7.23 3.74 30.61
N THR C 42 8.40 3.11 30.69
CA THR C 42 9.32 3.06 29.56
C THR C 42 9.40 1.63 29.03
N VAL C 43 8.87 1.43 27.83
CA VAL C 43 8.93 0.12 27.18
C VAL C 43 10.22 0.01 26.37
N ARG C 44 10.99 -1.04 26.64
CA ARG C 44 12.26 -1.25 25.98
C ARG C 44 12.12 -2.27 24.85
N VAL C 45 12.22 -1.79 23.61
CA VAL C 45 12.14 -2.65 22.44
C VAL C 45 13.52 -2.75 21.79
N PRO C 46 14.14 -3.94 21.86
CA PRO C 46 15.48 -4.06 21.27
C PRO C 46 15.44 -4.03 19.75
N THR C 47 16.48 -3.47 19.14
CA THR C 47 16.58 -3.47 17.69
C THR C 47 16.89 -4.88 17.18
N HIS C 48 16.06 -5.37 16.27
CA HIS C 48 16.30 -6.66 15.65
C HIS C 48 17.28 -6.47 14.51
N GLU C 49 18.37 -7.24 14.54
CA GLU C 49 19.43 -7.12 13.54
C GLU C 49 18.85 -7.42 12.15
N GLU C 50 17.93 -8.38 12.10
CA GLU C 50 17.20 -8.67 10.87
C GLU C 50 16.33 -7.49 10.47
N GLY C 51 15.97 -6.67 11.46
CA GLY C 51 15.04 -5.58 11.25
C GLY C 51 15.64 -4.33 10.64
N SER C 52 14.77 -3.52 10.06
CA SER C 52 15.13 -2.24 9.47
C SER C 52 14.25 -1.13 10.06
N TYR C 53 12.95 -1.26 9.87
CA TYR C 53 11.98 -0.28 10.38
C TYR C 53 11.24 -0.77 11.63
N LEU C 54 10.90 0.18 12.50
CA LEU C 54 10.07 -0.09 13.68
C LEU C 54 8.76 0.67 13.60
N PHE C 55 7.64 -0.04 13.75
CA PHE C 55 6.32 0.57 13.75
C PHE C 55 5.72 0.51 15.15
N TRP C 56 4.92 1.51 15.50
CA TRP C 56 4.25 1.56 16.79
C TRP C 56 2.85 2.12 16.68
N GLU C 57 1.96 1.65 17.56
CA GLU C 57 0.60 2.14 17.64
C GLU C 57 0.21 2.24 19.12
N PHE C 58 -0.57 3.25 19.49
CA PHE C 58 -1.09 3.31 20.85
C PHE C 58 -2.39 4.10 20.95
N ALA C 59 -3.15 3.79 22.01
CA ALA C 59 -4.40 4.49 22.28
C ALA C 59 -4.74 4.42 23.78
N THR C 60 -5.56 5.36 24.23
CA THR C 60 -6.00 5.41 25.62
C THR C 60 -7.52 5.42 25.67
N ASP C 61 -8.09 5.14 26.84
CA ASP C 61 -9.53 5.00 26.93
C ASP C 61 -10.24 6.35 27.05
N ASN C 62 -10.22 6.94 28.24
CA ASN C 62 -10.96 8.17 28.49
C ASN C 62 -10.15 9.46 28.43
N TYR C 63 -8.83 9.35 28.31
CA TYR C 63 -7.94 10.48 28.57
C TYR C 63 -6.70 10.49 27.70
N ASP C 64 -6.03 11.64 27.64
CA ASP C 64 -4.79 11.76 26.91
C ASP C 64 -3.63 11.21 27.74
N ILE C 65 -2.44 11.16 27.14
CA ILE C 65 -1.25 10.74 27.86
C ILE C 65 -0.01 11.30 27.17
N GLY C 66 1.06 11.51 27.93
CA GLY C 66 2.32 11.97 27.36
C GLY C 66 3.00 10.85 26.61
N PHE C 67 3.50 11.14 25.41
CA PHE C 67 4.19 10.13 24.60
C PHE C 67 5.38 10.70 23.85
N GLY C 68 6.49 9.96 23.91
CA GLY C 68 7.70 10.32 23.20
C GLY C 68 8.51 9.07 22.92
N VAL C 69 9.59 9.21 22.15
CA VAL C 69 10.43 8.06 21.81
C VAL C 69 11.91 8.45 21.87
N TYR C 70 12.71 7.57 22.48
CA TYR C 70 14.15 7.77 22.56
C TYR C 70 14.87 6.52 22.04
N PHE C 71 16.15 6.67 21.70
CA PHE C 71 16.95 5.57 21.16
C PHE C 71 18.27 5.43 21.92
N GLU C 72 18.51 4.25 22.47
CA GLU C 72 19.68 3.97 23.30
C GLU C 72 20.71 3.12 22.55
N TRP C 73 21.98 3.49 22.67
CA TRP C 73 23.07 2.80 21.97
C TRP C 73 23.72 1.73 22.84
N THR C 74 24.12 0.63 22.20
CA THR C 74 24.81 -0.46 22.89
C THR C 74 26.27 -0.51 22.45
N PRO C 112 26.83 5.70 28.74
CA PRO C 112 25.43 5.69 28.30
C PRO C 112 25.11 6.86 27.36
N LEU C 113 24.57 6.55 26.18
CA LEU C 113 24.26 7.57 25.18
C LEU C 113 22.79 7.45 24.73
N LEU C 114 22.24 8.54 24.20
CA LEU C 114 20.81 8.58 23.89
C LEU C 114 20.48 9.59 22.77
N ASP C 115 19.32 9.39 22.13
CA ASP C 115 18.83 10.29 21.07
C ASP C 115 17.32 10.45 21.15
N GLU C 116 16.82 11.64 20.78
CA GLU C 116 15.39 11.91 20.77
C GLU C 116 14.80 11.67 19.38
N ILE C 117 13.94 10.67 19.27
CA ILE C 117 13.23 10.37 18.03
C ILE C 117 11.94 11.19 17.97
N VAL C 118 11.04 10.92 18.91
CA VAL C 118 9.79 11.67 19.05
C VAL C 118 9.80 12.42 20.39
N PRO C 119 9.74 13.76 20.35
CA PRO C 119 9.73 14.49 21.63
C PRO C 119 8.53 14.09 22.48
N VAL C 120 8.69 14.11 23.80
CA VAL C 120 7.59 13.70 24.67
C VAL C 120 6.58 14.84 24.78
N TYR C 121 5.37 14.57 24.30
CA TYR C 121 4.28 15.55 24.27
C TYR C 121 2.98 14.86 24.64
N ARG C 122 2.00 15.65 25.10
CA ARG C 122 0.68 15.12 25.38
C ARG C 122 -0.12 15.02 24.09
N ARG C 123 -0.52 13.79 23.75
CA ARG C 123 -1.25 13.52 22.52
C ARG C 123 -2.66 13.10 22.89
N ASP C 124 -3.65 13.39 22.05
CA ASP C 124 -5.00 12.94 22.36
C ASP C 124 -5.22 11.66 21.59
N CYS C 125 -5.01 10.55 22.28
CA CYS C 125 -5.10 9.23 21.69
C CYS C 125 -6.42 8.55 22.04
N HIS C 126 -7.21 9.22 22.88
CA HIS C 126 -8.54 8.72 23.24
C HIS C 126 -9.53 9.07 22.13
N GLU C 127 -9.25 10.11 21.37
CA GLU C 127 -10.05 10.47 20.20
C GLU C 127 -9.67 9.67 18.96
N GLU C 128 -8.37 9.50 18.74
CA GLU C 128 -7.86 8.78 17.57
C GLU C 128 -6.70 7.85 17.94
N VAL C 129 -6.51 6.80 17.14
CA VAL C 129 -5.37 5.92 17.30
C VAL C 129 -4.11 6.59 16.75
N TYR C 130 -3.09 6.72 17.59
CA TYR C 130 -1.84 7.35 17.18
C TYR C 130 -0.80 6.31 16.78
N ALA C 131 -0.17 6.54 15.63
CA ALA C 131 0.79 5.61 15.06
C ALA C 131 2.09 6.33 14.69
N GLY C 132 3.04 5.56 14.17
CA GLY C 132 4.30 6.13 13.73
C GLY C 132 5.28 5.06 13.30
N SER C 133 6.39 5.48 12.71
CA SER C 133 7.41 4.55 12.25
C SER C 133 8.79 5.20 12.30
N HIS C 134 9.82 4.37 12.40
CA HIS C 134 11.19 4.86 12.32
C HIS C 134 12.14 3.81 11.77
N GLN C 135 13.10 4.27 10.98
CA GLN C 135 14.19 3.44 10.47
C GLN C 135 15.12 3.05 11.63
N TYR C 136 15.98 2.05 11.43
CA TYR C 136 17.03 1.72 12.38
C TYR C 136 18.34 2.42 12.03
N PRO C 137 18.74 3.46 12.78
CA PRO C 137 20.08 4.00 12.55
C PRO C 137 21.16 3.32 13.42
N GLY C 138 21.17 1.99 13.48
CA GLY C 138 22.20 1.30 14.25
C GLY C 138 21.72 0.04 14.95
N ARG C 139 22.53 -0.40 15.92
CA ARG C 139 22.16 -1.47 16.83
C ARG C 139 22.03 -0.90 18.24
N GLY C 140 20.86 -1.06 18.86
CA GLY C 140 20.59 -0.45 20.14
C GLY C 140 19.22 -0.83 20.68
N VAL C 141 18.71 -0.03 21.61
CA VAL C 141 17.40 -0.29 22.22
C VAL C 141 16.50 0.94 22.14
N TYR C 142 15.28 0.73 21.69
CA TYR C 142 14.27 1.79 21.64
C TYR C 142 13.60 1.97 22.98
N LEU C 143 13.34 3.22 23.36
CA LEU C 143 12.61 3.54 24.58
C LEU C 143 11.28 4.23 24.25
N LEU C 144 10.18 3.53 24.49
CA LEU C 144 8.85 4.11 24.31
C LEU C 144 8.38 4.69 25.63
N LYS C 145 8.29 6.01 25.70
CA LYS C 145 7.91 6.70 26.93
C LYS C 145 6.42 6.99 26.96
N PHE C 146 5.73 6.39 27.94
CA PHE C 146 4.36 6.79 28.27
C PHE C 146 4.40 7.63 29.54
N ASP C 147 4.15 8.93 29.40
CA ASP C 147 4.36 9.87 30.50
C ASP C 147 3.04 10.37 31.08
N ASN C 148 2.71 9.87 32.27
CA ASN C 148 1.53 10.31 33.01
C ASN C 148 1.88 11.34 34.09
N SER C 149 3.14 11.77 34.10
CA SER C 149 3.70 12.59 35.18
C SER C 149 2.79 13.72 35.64
N TYR C 150 2.16 14.38 34.69
CA TYR C 150 1.34 15.56 34.96
C TYR C 150 0.01 15.23 35.64
N SER C 151 -0.33 13.95 35.74
CA SER C 151 -1.61 13.52 36.28
C SER C 151 -1.56 13.29 37.80
N LEU C 152 -2.36 14.03 38.54
CA LEU C 152 -2.45 13.89 39.98
C LEU C 152 -3.37 12.75 40.43
N TRP C 153 -4.46 12.54 39.70
CA TRP C 153 -5.55 11.67 40.16
C TRP C 153 -5.84 10.49 39.21
N ARG C 154 -6.27 10.80 37.99
CA ARG C 154 -6.71 9.78 37.05
C ARG C 154 -5.56 8.87 36.60
N SER C 155 -5.85 7.58 36.42
CA SER C 155 -4.91 6.64 35.81
C SER C 155 -5.24 6.54 34.32
N LYS C 156 -4.44 5.76 33.59
CA LYS C 156 -4.58 5.65 32.14
C LYS C 156 -4.49 4.21 31.65
N SER C 157 -5.54 3.74 30.99
CA SER C 157 -5.51 2.44 30.34
C SER C 157 -4.99 2.62 28.92
N VAL C 158 -3.83 2.02 28.65
CA VAL C 158 -3.14 2.20 27.38
C VAL C 158 -3.17 0.94 26.53
N TYR C 159 -3.65 1.09 25.29
CA TYR C 159 -3.62 0.00 24.32
C TYR C 159 -2.52 0.26 23.30
N TYR C 160 -1.45 -0.53 23.34
CA TYR C 160 -0.30 -0.29 22.47
C TYR C 160 0.20 -1.56 21.78
N ARG C 161 0.75 -1.38 20.57
CA ARG C 161 1.24 -2.49 19.75
C ARG C 161 2.46 -2.07 18.93
N VAL C 162 3.40 -3.00 18.76
CA VAL C 162 4.61 -2.74 17.98
C VAL C 162 4.74 -3.73 16.82
N TYR C 163 5.78 -3.51 16.00
CA TYR C 163 6.06 -4.36 14.85
C TYR C 163 7.53 -4.19 14.45
N TYR C 164 7.96 -4.93 13.43
CA TYR C 164 9.25 -4.67 12.79
C TYR C 164 9.30 -5.32 11.41
N THR C 165 10.39 -5.10 10.68
CA THR C 165 10.48 -5.44 9.26
C THR C 165 11.71 -6.27 8.96
N ARG C 166 12.00 -6.47 7.67
CA ARG C 166 13.24 -7.11 7.25
C ARG C 166 13.86 -6.37 6.07
N PRO D 7 7.80 -6.00 -1.34
CA PRO D 7 7.95 -6.22 0.10
C PRO D 7 9.08 -5.40 0.72
N ALA D 8 9.58 -4.41 -0.03
CA ALA D 8 10.68 -3.58 0.45
C ALA D 8 10.26 -2.86 1.74
N PRO D 9 11.10 -2.94 2.79
CA PRO D 9 10.79 -2.27 4.06
C PRO D 9 10.39 -0.79 3.90
N PRO D 10 11.09 -0.02 3.05
CA PRO D 10 10.63 1.37 2.88
C PRO D 10 9.28 1.46 2.18
N ALA D 11 8.91 0.41 1.45
CA ALA D 11 7.61 0.38 0.78
C ALA D 11 6.49 0.06 1.76
N ILE D 12 6.84 -0.59 2.86
CA ILE D 12 5.85 -0.92 3.89
C ILE D 12 5.51 0.30 4.74
N ALA D 13 6.48 1.20 4.88
CA ALA D 13 6.33 2.38 5.73
C ALA D 13 5.36 3.39 5.12
N ASP D 14 5.58 3.72 3.85
CA ASP D 14 4.71 4.66 3.15
C ASP D 14 3.36 4.03 2.86
N LEU D 15 3.34 2.71 2.74
CA LEU D 15 2.09 1.96 2.58
C LEU D 15 1.15 2.23 3.74
N LEU D 16 1.55 1.81 4.93
CA LEU D 16 0.71 1.91 6.12
C LEU D 16 0.25 3.34 6.37
N ALA D 17 1.16 4.30 6.24
CA ALA D 17 0.84 5.70 6.49
C ALA D 17 -0.43 6.14 5.78
N SER D 18 -0.53 5.80 4.50
CA SER D 18 -1.69 6.18 3.68
C SER D 18 -2.96 5.40 3.99
N VAL D 19 -2.88 4.08 3.90
CA VAL D 19 -4.05 3.21 3.87
C VAL D 19 -4.44 2.55 5.20
N ASP D 20 -3.78 2.94 6.30
CA ASP D 20 -3.79 2.15 7.54
C ASP D 20 -5.17 1.69 8.01
N SER D 21 -5.27 0.40 8.30
CA SER D 21 -6.49 -0.21 8.80
C SER D 21 -6.13 -1.49 9.55
N GLU D 22 -7.05 -2.01 10.34
CA GLU D 22 -6.82 -3.28 11.02
C GLU D 22 -6.60 -4.41 10.03
N GLU D 23 -7.29 -4.35 8.89
CA GLU D 23 -7.18 -5.37 7.87
C GLU D 23 -5.80 -5.31 7.21
N VAL D 24 -5.36 -4.10 6.88
CA VAL D 24 -4.07 -3.92 6.24
C VAL D 24 -2.94 -4.33 7.18
N ARG D 25 -3.11 -4.03 8.46
CA ARG D 25 -2.17 -4.48 9.48
C ARG D 25 -2.16 -6.00 9.55
N ASP D 26 -3.35 -6.59 9.53
CA ASP D 26 -3.49 -8.04 9.52
C ASP D 26 -3.01 -8.62 8.20
N TYR D 27 -3.17 -7.85 7.12
CA TYR D 27 -2.71 -8.28 5.81
C TYR D 27 -1.18 -8.36 5.80
N CYS D 28 -0.54 -7.26 6.17
CA CYS D 28 0.92 -7.19 6.22
C CYS D 28 1.48 -8.18 7.24
N ARG D 29 0.70 -8.43 8.29
CA ARG D 29 1.08 -9.37 9.34
C ARG D 29 1.29 -10.77 8.76
N THR D 30 0.46 -11.11 7.77
CA THR D 30 0.49 -12.44 7.17
C THR D 30 1.62 -12.61 6.15
N LYS D 31 1.92 -11.55 5.41
CA LYS D 31 2.89 -11.61 4.32
C LYS D 31 4.32 -11.73 4.83
N GLY D 32 4.52 -11.50 6.13
CA GLY D 32 5.85 -11.55 6.72
C GLY D 32 6.60 -10.24 6.55
N TRP D 33 5.90 -9.21 6.08
CA TRP D 33 6.51 -7.90 5.89
C TRP D 33 6.68 -7.21 7.23
N ILE D 34 5.64 -7.26 8.05
CA ILE D 34 5.70 -6.76 9.43
C ILE D 34 5.53 -7.92 10.40
N VAL D 35 6.18 -7.82 11.55
CA VAL D 35 6.18 -8.90 12.55
C VAL D 35 5.86 -8.37 13.94
N GLN D 36 4.76 -8.83 14.52
CA GLN D 36 4.32 -8.38 15.83
C GLN D 36 5.27 -8.89 16.93
N GLU D 37 5.72 -7.97 17.78
CA GLU D 37 6.70 -8.28 18.82
C GLU D 37 6.05 -8.25 20.21
N LYS D 38 6.21 -9.35 20.95
CA LYS D 38 5.61 -9.48 22.28
C LYS D 38 6.60 -9.06 23.36
N ILE D 39 6.11 -8.34 24.36
CA ILE D 39 6.91 -7.89 25.49
C ILE D 39 6.26 -8.37 26.79
N THR D 40 6.89 -8.11 27.92
CA THR D 40 6.43 -8.64 29.21
C THR D 40 6.72 -7.69 30.37
N LYS D 41 6.56 -8.18 31.59
CA LYS D 41 6.83 -7.41 32.80
C LYS D 41 8.24 -6.82 32.78
N GLU D 42 9.23 -7.64 32.47
CA GLU D 42 10.60 -7.15 32.34
C GLU D 42 10.72 -6.43 30.99
N SER D 43 11.89 -5.84 30.74
CA SER D 43 12.09 -4.99 29.57
C SER D 43 11.07 -3.85 29.60
N LEU D 44 10.60 -3.55 30.80
CA LEU D 44 9.63 -2.48 31.03
C LEU D 44 9.88 -1.95 32.43
N GLU D 45 9.78 -0.63 32.61
CA GLU D 45 10.23 0.00 33.85
C GLU D 45 9.37 1.20 34.22
N ARG D 46 9.26 1.44 35.53
CA ARG D 46 8.36 2.46 36.06
C ARG D 46 9.11 3.45 36.96
N ASN D 47 8.71 4.71 36.91
CA ASN D 47 9.35 5.78 37.67
C ASN D 47 8.33 6.79 38.19
N VAL D 48 8.76 7.62 39.13
CA VAL D 48 7.92 8.68 39.69
C VAL D 48 8.63 10.03 39.60
#